data_6X6I
#
_entry.id   6X6I
#
_cell.length_a   175.027
_cell.length_b   175.027
_cell.length_c   124.131
_cell.angle_alpha   90.000
_cell.angle_beta   90.000
_cell.angle_gamma   120.000
#
_symmetry.space_group_name_H-M   'H 3 2'
#
loop_
_entity.id
_entity.type
_entity.pdbx_description
1 polymer 'N-acetyltransferase Eis'
2 non-polymer 4-(4-benzyl-4-hydroxypiperidin-1-yl)-1-(4-fluorophenyl)butan-1-one
3 non-polymer GLYCEROL
4 non-polymer DI(HYDROXYETHYL)ETHER
5 non-polymer 'CHLORIDE ION'
6 water water
#
_entity_poly.entity_id   1
_entity_poly.type   'polypeptide(L)'
_entity_poly.pdbx_seq_one_letter_code
;MGSSHHHHHHSSGLVPRGSHMTVTLCSPTEDDWPGMFLLAAASFTDFIGPESATAWRTLVPTDGAVVVRDGAGPGSEVVG
MALYMDLRLTVPGEVVLPTAGLSFVAVAPTHRRRGLLRAMCAELHRRIADSGYPVAALHASEGGIYGRFGYGPATTLHEL
TVDRRFARFHADAPGGGLGGSSVRLVRPTEHRGEFEAIYERWRQQVPGGLLRPQVLWDELLAEAKAAPGGDRESFALLHP
DGYALYRVDRTDLKLARVSELRAVTADAHCALWRALIGLDSMERISIITHPQDPLPHLLTDTRLARTTWRQDGLWLRIMN
VPAALEARGYAHEVGEFSTVLEVSDGGRFALKIGDGRARCTPTDAAAEIEMDRDVLGSLYLGAHRASTLAAANRLRTKDS
QLLRRLDAAFASDVPVQTAFEF
;
_entity_poly.pdbx_strand_id   AAA
#
loop_
_chem_comp.id
_chem_comp.type
_chem_comp.name
_chem_comp.formula
CL non-polymer 'CHLORIDE ION' 'Cl -1'
GOL non-polymer GLYCEROL 'C3 H8 O3'
PEG non-polymer DI(HYDROXYETHYL)ETHER 'C4 H10 O3'
USG non-polymer 4-(4-benzyl-4-hydroxypiperidin-1-yl)-1-(4-fluorophenyl)butan-1-one 'C22 H25 F2 N O2'
#
# COMPACT_ATOMS: atom_id res chain seq x y z
N VAL A 23 20.83 -15.90 22.44
CA VAL A 23 20.17 -15.35 21.21
C VAL A 23 20.25 -16.42 20.09
N THR A 24 19.14 -17.10 19.84
CA THR A 24 18.93 -18.03 18.69
C THR A 24 17.73 -17.55 17.88
N LEU A 25 17.75 -17.80 16.57
CA LEU A 25 16.67 -17.40 15.62
C LEU A 25 15.95 -18.66 15.11
N CYS A 26 14.66 -18.79 15.40
CA CYS A 26 13.83 -19.99 15.13
C CYS A 26 12.47 -19.59 14.55
N SER A 27 11.81 -20.49 13.82
CA SER A 27 10.35 -20.42 13.57
C SER A 27 9.63 -20.63 14.91
N PRO A 28 8.64 -19.80 15.29
CA PRO A 28 7.97 -19.96 16.57
C PRO A 28 7.12 -21.24 16.65
N THR A 29 7.06 -21.85 17.83
CA THR A 29 6.11 -22.92 18.18
C THR A 29 4.84 -22.26 18.70
N GLU A 30 3.76 -23.03 18.85
CA GLU A 30 2.47 -22.51 19.41
C GLU A 30 2.74 -21.82 20.76
N ASP A 31 3.68 -22.35 21.55
CA ASP A 31 4.00 -21.87 22.92
C ASP A 31 4.67 -20.50 22.88
N ASP A 32 5.20 -20.08 21.72
CA ASP A 32 5.93 -18.80 21.55
C ASP A 32 4.95 -17.63 21.39
N TRP A 33 3.70 -17.87 21.02
CA TRP A 33 2.78 -16.80 20.56
C TRP A 33 2.34 -15.89 21.72
N PRO A 34 2.05 -16.39 22.94
CA PRO A 34 1.84 -15.51 24.09
C PRO A 34 2.99 -14.51 24.32
N GLY A 35 4.25 -14.97 24.22
CA GLY A 35 5.45 -14.11 24.31
C GLY A 35 5.54 -13.10 23.16
N MET A 36 5.11 -13.50 21.96
CA MET A 36 5.05 -12.60 20.77
C MET A 36 3.97 -11.52 21.00
N PHE A 37 2.81 -11.90 21.55
CA PHE A 37 1.70 -10.95 21.86
C PHE A 37 2.12 -9.95 22.95
N LEU A 38 2.92 -10.35 23.94
CA LEU A 38 3.46 -9.41 24.96
C LEU A 38 4.38 -8.40 24.26
N LEU A 39 5.34 -8.87 23.48
CA LEU A 39 6.27 -7.99 22.71
C LEU A 39 5.46 -7.03 21.83
N ALA A 40 4.38 -7.51 21.19
CA ALA A 40 3.50 -6.73 20.29
C ALA A 40 2.82 -5.59 21.08
N ALA A 41 2.20 -5.94 22.20
CA ALA A 41 1.50 -4.98 23.10
C ALA A 41 2.46 -3.86 23.55
N ALA A 42 3.71 -4.22 23.85
CA ALA A 42 4.75 -3.27 24.35
C ALA A 42 5.37 -2.48 23.19
N SER A 43 5.26 -2.96 21.95
CA SER A 43 5.94 -2.39 20.75
C SER A 43 4.99 -1.50 19.94
N PHE A 44 3.72 -1.88 19.85
CA PHE A 44 2.72 -1.27 18.94
C PHE A 44 1.58 -0.67 19.75
N THR A 45 1.47 0.67 19.77
CA THR A 45 0.38 1.37 20.49
C THR A 45 -0.96 1.00 19.83
N ASP A 46 -0.94 0.62 18.55
CA ASP A 46 -2.15 0.23 17.78
C ASP A 46 -2.29 -1.30 17.77
N PHE A 47 -1.68 -2.03 18.70
CA PHE A 47 -1.78 -3.51 18.77
C PHE A 47 -3.26 -3.89 18.81
N ILE A 48 -3.67 -4.82 17.94
CA ILE A 48 -5.10 -5.20 17.71
C ILE A 48 -5.58 -6.19 18.79
N GLY A 49 -4.67 -6.66 19.65
CA GLY A 49 -4.98 -7.61 20.73
C GLY A 49 -4.89 -9.06 20.24
N PRO A 50 -4.84 -10.04 21.17
CA PRO A 50 -4.57 -11.44 20.79
C PRO A 50 -5.63 -12.09 19.89
N GLU A 51 -6.91 -11.75 20.09
CA GLU A 51 -8.03 -12.35 19.32
C GLU A 51 -7.91 -11.94 17.85
N SER A 52 -7.80 -10.64 17.56
CA SER A 52 -7.65 -10.12 16.18
C SER A 52 -6.33 -10.63 15.55
N ALA A 53 -5.23 -10.63 16.32
CA ALA A 53 -3.89 -11.08 15.88
C ALA A 53 -3.95 -12.56 15.47
N THR A 54 -4.71 -13.37 16.22
CA THR A 54 -4.94 -14.81 15.91
C THR A 54 -5.67 -14.94 14.57
N ALA A 55 -6.59 -14.02 14.24
CA ALA A 55 -7.28 -13.99 12.94
C ALA A 55 -6.28 -13.66 11.82
N TRP A 56 -5.44 -12.64 12.01
CA TRP A 56 -4.43 -12.22 11.01
C TRP A 56 -3.42 -13.36 10.78
N ARG A 57 -3.13 -14.14 11.83
CA ARG A 57 -2.21 -15.31 11.80
C ARG A 57 -2.59 -16.26 10.66
N THR A 58 -3.88 -16.38 10.35
CA THR A 58 -4.39 -17.33 9.32
C THR A 58 -3.79 -16.96 7.94
N LEU A 59 -3.26 -15.74 7.75
CA LEU A 59 -2.65 -15.29 6.46
C LEU A 59 -1.14 -15.56 6.44
N VAL A 60 -0.57 -16.02 7.55
CA VAL A 60 0.89 -16.31 7.65
C VAL A 60 1.09 -17.78 7.26
N PRO A 61 1.89 -18.08 6.22
CA PRO A 61 2.14 -19.47 5.85
C PRO A 61 3.02 -20.18 6.89
N THR A 62 3.02 -21.51 6.87
CA THR A 62 4.01 -22.35 7.59
C THR A 62 5.40 -21.77 7.29
N ASP A 63 6.22 -21.55 8.31
CA ASP A 63 7.60 -21.03 8.16
C ASP A 63 7.57 -19.56 7.69
N GLY A 64 6.43 -18.88 7.86
CA GLY A 64 6.30 -17.44 7.53
C GLY A 64 6.77 -16.52 8.65
N ALA A 65 7.10 -17.07 9.82
CA ALA A 65 7.45 -16.29 11.04
C ALA A 65 8.80 -16.73 11.58
N VAL A 66 9.56 -15.77 12.13
CA VAL A 66 10.80 -16.00 12.90
C VAL A 66 10.69 -15.30 14.25
N VAL A 67 11.30 -15.88 15.28
CA VAL A 67 11.45 -15.26 16.64
C VAL A 67 12.90 -15.39 17.06
N VAL A 68 13.37 -14.42 17.85
CA VAL A 68 14.65 -14.49 18.61
C VAL A 68 14.27 -14.67 20.09
N ARG A 69 14.81 -15.71 20.73
CA ARG A 69 14.69 -15.95 22.20
C ARG A 69 16.04 -15.65 22.84
N ASP A 70 16.06 -15.31 24.13
CA ASP A 70 17.31 -14.98 24.86
C ASP A 70 17.85 -16.26 25.53
N SER A 76 12.63 -19.42 27.95
CA SER A 76 13.26 -18.14 27.53
C SER A 76 12.25 -17.28 26.75
N GLU A 77 12.33 -15.96 26.93
CA GLU A 77 11.32 -14.98 26.45
C GLU A 77 11.66 -14.49 25.03
N VAL A 78 10.65 -13.92 24.36
CA VAL A 78 10.74 -13.45 22.94
C VAL A 78 11.24 -12.00 22.96
N VAL A 79 12.40 -11.76 22.35
CA VAL A 79 13.09 -10.45 22.33
C VAL A 79 13.11 -9.88 20.90
N GLY A 80 12.70 -10.69 19.92
CA GLY A 80 12.59 -10.25 18.52
C GLY A 80 11.60 -11.12 17.77
N MET A 81 10.88 -10.53 16.82
CA MET A 81 9.97 -11.29 15.93
C MET A 81 9.78 -10.53 14.62
N ALA A 82 9.38 -11.29 13.60
CA ALA A 82 9.07 -10.79 12.25
C ALA A 82 8.34 -11.90 11.51
N LEU A 83 7.39 -11.54 10.65
CA LEU A 83 6.68 -12.53 9.81
C LEU A 83 6.29 -11.88 8.49
N TYR A 84 5.80 -12.71 7.57
CA TYR A 84 5.17 -12.24 6.32
C TYR A 84 3.88 -13.02 6.14
N MET A 85 2.94 -12.38 5.46
CA MET A 85 1.64 -12.93 5.07
C MET A 85 1.63 -13.11 3.55
N ASP A 86 0.87 -14.09 3.08
CA ASP A 86 0.63 -14.32 1.63
C ASP A 86 -0.39 -13.30 1.12
N LEU A 87 0.06 -12.35 0.29
CA LEU A 87 -0.81 -11.32 -0.31
C LEU A 87 -0.84 -11.45 -1.84
N ARG A 88 -1.81 -10.77 -2.45
CA ARG A 88 -1.93 -10.63 -3.92
C ARG A 88 -1.98 -9.14 -4.22
N LEU A 89 -0.95 -8.63 -4.91
CA LEU A 89 -0.77 -7.19 -5.20
C LEU A 89 -0.99 -6.96 -6.70
N THR A 90 -1.84 -5.99 -7.05
CA THR A 90 -2.07 -5.55 -8.44
C THR A 90 -0.99 -4.55 -8.82
N VAL A 91 -0.39 -4.75 -9.99
CA VAL A 91 0.69 -3.86 -10.53
C VAL A 91 0.22 -3.34 -11.88
N PRO A 92 0.87 -2.31 -12.47
CA PRO A 92 0.38 -1.74 -13.72
C PRO A 92 0.17 -2.83 -14.79
N GLY A 93 -0.91 -2.69 -15.55
CA GLY A 93 -1.39 -3.69 -16.54
C GLY A 93 -2.38 -4.67 -15.94
N GLU A 94 -2.91 -4.39 -14.74
CA GLU A 94 -3.88 -5.26 -14.03
C GLU A 94 -3.28 -6.66 -13.78
N VAL A 95 -1.96 -6.74 -13.63
CA VAL A 95 -1.26 -8.02 -13.33
C VAL A 95 -1.26 -8.20 -11.81
N VAL A 96 -1.59 -9.40 -11.32
CA VAL A 96 -1.63 -9.71 -9.86
C VAL A 96 -0.41 -10.57 -9.51
N LEU A 97 0.46 -10.06 -8.63
CA LEU A 97 1.68 -10.78 -8.17
C LEU A 97 1.45 -11.39 -6.78
N PRO A 98 1.91 -12.65 -6.57
CA PRO A 98 2.07 -13.18 -5.21
C PRO A 98 3.09 -12.26 -4.51
N THR A 99 2.75 -11.82 -3.29
CA THR A 99 3.50 -10.79 -2.54
C THR A 99 3.64 -11.25 -1.09
N ALA A 100 4.87 -11.20 -0.56
CA ALA A 100 5.19 -11.44 0.86
C ALA A 100 5.01 -10.12 1.62
N GLY A 101 3.95 -10.02 2.41
CA GLY A 101 3.65 -8.81 3.22
C GLY A 101 4.31 -8.91 4.58
N LEU A 102 5.45 -8.26 4.77
CA LEU A 102 6.15 -8.23 6.08
C LEU A 102 5.29 -7.44 7.07
N SER A 103 5.24 -7.91 8.33
CA SER A 103 4.40 -7.35 9.39
C SER A 103 4.84 -7.87 10.76
N PHE A 104 4.32 -7.28 11.83
CA PHE A 104 4.52 -7.76 13.22
C PHE A 104 6.02 -7.85 13.53
N VAL A 105 6.80 -6.87 13.05
CA VAL A 105 8.28 -6.78 13.22
C VAL A 105 8.56 -5.97 14.49
N ALA A 106 9.25 -6.55 15.46
CA ALA A 106 9.55 -5.89 16.75
C ALA A 106 10.86 -6.44 17.31
N VAL A 107 11.67 -5.55 17.88
CA VAL A 107 12.82 -5.91 18.76
C VAL A 107 12.52 -5.34 20.15
N ALA A 108 12.73 -6.13 21.19
CA ALA A 108 12.47 -5.73 22.60
C ALA A 108 13.34 -4.52 22.93
N PRO A 109 12.84 -3.56 23.75
CA PRO A 109 13.62 -2.38 24.11
C PRO A 109 14.90 -2.73 24.88
N THR A 110 14.94 -3.95 25.44
CA THR A 110 16.07 -4.53 26.20
C THR A 110 17.18 -5.03 25.27
N HIS A 111 16.92 -5.15 23.97
CA HIS A 111 17.81 -5.85 23.00
C HIS A 111 18.06 -4.98 21.75
N ARG A 112 18.05 -3.66 21.88
CA ARG A 112 18.37 -2.73 20.76
C ARG A 112 19.85 -2.87 20.39
N ARG A 113 20.20 -2.48 19.15
CA ARG A 113 21.60 -2.34 18.65
C ARG A 113 22.37 -3.65 18.83
N ARG A 114 21.72 -4.80 18.59
CA ARG A 114 22.33 -6.15 18.66
C ARG A 114 22.19 -6.87 17.32
N GLY A 115 21.78 -6.16 16.27
CA GLY A 115 21.63 -6.70 14.90
C GLY A 115 20.49 -7.71 14.77
N LEU A 116 19.48 -7.64 15.65
CA LEU A 116 18.34 -8.61 15.64
C LEU A 116 17.45 -8.35 14.43
N LEU A 117 17.17 -7.09 14.11
CA LEU A 117 16.34 -6.73 12.92
C LEU A 117 17.03 -7.26 11.66
N ARG A 118 18.33 -6.99 11.51
CA ARG A 118 19.13 -7.39 10.32
C ARG A 118 19.05 -8.93 10.15
N ALA A 119 19.28 -9.67 11.23
CA ALA A 119 19.27 -11.16 11.27
C ALA A 119 17.89 -11.69 10.86
N MET A 120 16.81 -11.11 11.42
CA MET A 120 15.42 -11.56 11.16
C MET A 120 15.04 -11.24 9.70
N CYS A 121 15.39 -10.06 9.19
CA CYS A 121 15.08 -9.63 7.80
C CYS A 121 15.86 -10.51 6.81
N ALA A 122 17.14 -10.79 7.08
CA ALA A 122 17.99 -11.67 6.23
C ALA A 122 17.33 -13.05 6.11
N GLU A 123 16.86 -13.61 7.23
CA GLU A 123 16.28 -14.98 7.25
C GLU A 123 14.94 -14.97 6.50
N LEU A 124 14.04 -14.02 6.79
CA LEU A 124 12.72 -13.97 6.09
C LEU A 124 12.94 -13.78 4.59
N HIS A 125 13.87 -12.90 4.19
CA HIS A 125 14.14 -12.64 2.74
C HIS A 125 14.61 -13.93 2.04
N ARG A 126 15.47 -14.71 2.71
CA ARG A 126 15.96 -16.03 2.24
C ARG A 126 14.74 -16.94 2.00
N ARG A 127 13.84 -17.02 2.98
CA ARG A 127 12.62 -17.88 2.91
C ARG A 127 11.70 -17.37 1.80
N ILE A 128 11.50 -16.05 1.71
CA ILE A 128 10.60 -15.42 0.70
C ILE A 128 11.16 -15.68 -0.70
N ALA A 129 12.46 -15.46 -0.91
CA ALA A 129 13.12 -15.66 -2.23
C ALA A 129 13.02 -17.13 -2.63
N ASP A 130 13.36 -18.06 -1.72
CA ASP A 130 13.35 -19.54 -1.95
C ASP A 130 11.93 -20.03 -2.22
N SER A 131 10.91 -19.36 -1.66
CA SER A 131 9.48 -19.74 -1.81
C SER A 131 8.93 -19.34 -3.18
N GLY A 132 9.61 -18.43 -3.89
CA GLY A 132 9.26 -18.04 -5.27
C GLY A 132 8.45 -16.75 -5.35
N TYR A 133 8.46 -15.93 -4.30
CA TYR A 133 7.81 -14.60 -4.32
C TYR A 133 8.68 -13.64 -5.14
N PRO A 134 8.12 -12.95 -6.16
CA PRO A 134 8.90 -11.96 -6.91
C PRO A 134 9.04 -10.63 -6.16
N VAL A 135 8.14 -10.34 -5.23
CA VAL A 135 8.13 -9.05 -4.49
C VAL A 135 7.76 -9.29 -3.02
N ALA A 136 8.33 -8.47 -2.14
CA ALA A 136 7.92 -8.31 -0.73
C ALA A 136 7.42 -6.89 -0.54
N ALA A 137 6.55 -6.67 0.45
CA ALA A 137 5.96 -5.34 0.72
C ALA A 137 5.78 -5.16 2.23
N LEU A 138 5.75 -3.90 2.66
CA LEU A 138 5.46 -3.54 4.07
C LEU A 138 4.95 -2.10 4.15
N HIS A 139 4.36 -1.77 5.30
CA HIS A 139 4.10 -0.39 5.77
C HIS A 139 5.13 -0.07 6.86
N ALA A 140 5.83 1.05 6.72
CA ALA A 140 7.00 1.40 7.55
C ALA A 140 6.55 2.18 8.79
N SER A 141 6.99 1.76 9.98
CA SER A 141 6.77 2.48 11.27
C SER A 141 7.51 3.81 11.23
N GLU A 142 8.72 3.82 10.66
CA GLU A 142 9.54 5.04 10.44
C GLU A 142 10.11 4.99 9.01
N GLY A 143 10.47 6.15 8.44
CA GLY A 143 10.93 6.26 7.04
C GLY A 143 12.40 5.89 6.85
N GLY A 144 13.19 5.76 7.91
CA GLY A 144 14.67 5.65 7.83
C GLY A 144 15.20 4.22 7.96
N ILE A 145 14.33 3.21 8.08
CA ILE A 145 14.75 1.85 8.51
C ILE A 145 14.92 0.93 7.29
N TYR A 146 13.95 0.87 6.37
CA TYR A 146 13.78 -0.28 5.45
C TYR A 146 14.50 -0.06 4.11
N GLY A 147 14.91 1.17 3.78
CA GLY A 147 15.74 1.48 2.60
C GLY A 147 16.97 0.59 2.52
N ARG A 148 17.66 0.38 3.64
CA ARG A 148 18.94 -0.37 3.70
C ARG A 148 18.68 -1.88 3.49
N PHE A 149 17.44 -2.35 3.64
CA PHE A 149 17.06 -3.77 3.41
C PHE A 149 16.44 -3.94 2.02
N GLY A 150 16.50 -2.88 1.19
CA GLY A 150 16.11 -2.91 -0.24
C GLY A 150 14.66 -2.52 -0.49
N TYR A 151 13.94 -2.00 0.51
CA TYR A 151 12.54 -1.52 0.38
C TYR A 151 12.54 -0.04 -0.05
N GLY A 152 11.78 0.26 -1.10
CA GLY A 152 11.53 1.65 -1.55
C GLY A 152 10.06 2.00 -1.38
N PRO A 153 9.72 3.24 -0.93
CA PRO A 153 8.32 3.65 -0.85
C PRO A 153 7.73 3.69 -2.28
N ALA A 154 6.58 3.05 -2.47
CA ALA A 154 6.02 2.71 -3.80
C ALA A 154 4.62 3.33 -4.00
N THR A 155 3.92 3.68 -2.91
CA THR A 155 2.65 4.45 -2.96
C THR A 155 2.74 5.66 -2.03
N THR A 156 1.93 6.68 -2.31
CA THR A 156 1.88 7.95 -1.54
C THR A 156 0.47 8.14 -0.96
N LEU A 157 0.41 8.22 0.37
CA LEU A 157 -0.81 8.63 1.13
C LEU A 157 -0.90 10.15 1.10
N HIS A 158 -2.08 10.63 0.76
CA HIS A 158 -2.41 12.05 0.55
C HIS A 158 -3.70 12.32 1.34
N GLU A 159 -3.63 13.00 2.47
CA GLU A 159 -4.85 13.35 3.23
C GLU A 159 -5.43 14.64 2.68
N LEU A 160 -6.69 14.58 2.24
CA LEU A 160 -7.49 15.77 1.84
C LEU A 160 -8.49 16.04 2.96
N THR A 161 -8.57 17.31 3.39
CA THR A 161 -9.61 17.80 4.32
C THR A 161 -10.45 18.84 3.57
N VAL A 162 -11.75 18.58 3.44
CA VAL A 162 -12.72 19.49 2.75
C VAL A 162 -13.51 20.26 3.81
N ASP A 163 -13.48 21.60 3.77
CA ASP A 163 -14.44 22.44 4.55
C ASP A 163 -15.75 22.43 3.79
N ARG A 164 -16.62 21.48 4.13
CA ARG A 164 -17.83 21.15 3.34
C ARG A 164 -18.86 22.28 3.42
N ARG A 165 -18.74 23.20 4.37
CA ARG A 165 -19.69 24.35 4.49
C ARG A 165 -19.60 25.23 3.23
N PHE A 166 -18.44 25.25 2.57
CA PHE A 166 -18.18 26.12 1.39
C PHE A 166 -18.27 25.35 0.07
N ALA A 167 -18.26 24.01 0.13
CA ALA A 167 -18.10 23.13 -1.06
C ALA A 167 -19.35 23.21 -1.94
N ARG A 168 -19.16 23.66 -3.19
CA ARG A 168 -20.20 23.65 -4.26
C ARG A 168 -19.63 22.81 -5.42
N PHE A 169 -20.44 21.91 -5.97
CA PHE A 169 -20.03 21.07 -7.12
C PHE A 169 -20.01 21.92 -8.39
N HIS A 170 -18.98 21.69 -9.21
CA HIS A 170 -18.80 22.33 -10.54
C HIS A 170 -19.98 21.94 -11.45
N ALA A 171 -20.38 22.85 -12.33
CA ALA A 171 -21.42 22.62 -13.37
C ALA A 171 -21.14 21.32 -14.12
N ASP A 172 -19.86 21.01 -14.38
CA ASP A 172 -19.42 19.81 -15.16
C ASP A 172 -19.51 18.52 -14.32
N ALA A 173 -19.58 18.60 -12.99
CA ALA A 173 -19.48 17.39 -12.12
C ALA A 173 -20.63 16.45 -12.43
N PRO A 174 -20.39 15.13 -12.58
CA PRO A 174 -21.47 14.16 -12.82
C PRO A 174 -22.58 14.15 -11.76
N GLY A 175 -23.81 13.84 -12.19
CA GLY A 175 -24.96 13.49 -11.34
C GLY A 175 -25.47 14.65 -10.51
N GLY A 176 -25.68 15.81 -11.12
CA GLY A 176 -26.23 17.02 -10.46
C GLY A 176 -27.72 16.88 -10.19
N SER A 181 -31.66 9.71 -5.41
CA SER A 181 -30.19 9.53 -5.41
C SER A 181 -29.85 8.07 -5.71
N SER A 182 -28.66 7.84 -6.27
CA SER A 182 -28.07 6.51 -6.53
C SER A 182 -27.41 5.96 -5.25
N VAL A 183 -27.23 6.80 -4.23
CA VAL A 183 -26.47 6.47 -2.98
C VAL A 183 -27.45 6.23 -1.84
N ARG A 184 -27.15 5.22 -1.02
CA ARG A 184 -27.92 4.87 0.20
C ARG A 184 -27.02 4.99 1.43
N LEU A 185 -27.55 5.57 2.51
CA LEU A 185 -26.95 5.54 3.86
C LEU A 185 -27.33 4.22 4.52
N VAL A 186 -26.37 3.35 4.84
CA VAL A 186 -26.64 1.98 5.35
C VAL A 186 -25.74 1.66 6.54
N ARG A 187 -26.10 0.62 7.28
CA ARG A 187 -25.25 -0.02 8.33
C ARG A 187 -24.26 -0.94 7.63
N PRO A 188 -22.94 -0.74 7.81
CA PRO A 188 -21.95 -1.59 7.15
C PRO A 188 -22.19 -3.10 7.28
N THR A 189 -22.52 -3.57 8.48
CA THR A 189 -22.66 -5.02 8.80
C THR A 189 -23.80 -5.66 7.97
N GLU A 190 -24.74 -4.87 7.43
CA GLU A 190 -25.94 -5.39 6.72
C GLU A 190 -25.69 -5.47 5.21
N HIS A 191 -24.52 -5.05 4.71
CA HIS A 191 -24.25 -4.96 3.25
C HIS A 191 -22.85 -5.50 2.92
N ARG A 192 -22.40 -6.52 3.64
CA ARG A 192 -21.03 -7.09 3.53
C ARG A 192 -20.79 -7.60 2.10
N GLY A 193 -21.75 -8.38 1.56
CA GLY A 193 -21.69 -8.94 0.19
C GLY A 193 -21.45 -7.87 -0.86
N GLU A 194 -22.14 -6.74 -0.75
CA GLU A 194 -22.03 -5.62 -1.72
C GLU A 194 -20.66 -4.95 -1.62
N PHE A 195 -20.16 -4.72 -0.39
CA PHE A 195 -18.81 -4.11 -0.18
C PHE A 195 -17.74 -5.05 -0.74
N GLU A 196 -17.83 -6.34 -0.40
CA GLU A 196 -16.87 -7.37 -0.87
C GLU A 196 -16.78 -7.33 -2.40
N ALA A 197 -17.93 -7.31 -3.09
CA ALA A 197 -18.00 -7.37 -4.56
C ALA A 197 -17.42 -6.10 -5.18
N ILE A 198 -17.74 -4.93 -4.63
CA ILE A 198 -17.23 -3.62 -5.13
C ILE A 198 -15.71 -3.59 -4.94
N TYR A 199 -15.23 -3.97 -3.74
CA TYR A 199 -13.79 -3.95 -3.39
C TYR A 199 -13.02 -4.89 -4.34
N GLU A 200 -13.57 -6.08 -4.59
CA GLU A 200 -12.94 -7.11 -5.48
C GLU A 200 -12.77 -6.52 -6.90
N ARG A 201 -13.76 -5.77 -7.39
CA ARG A 201 -13.67 -5.09 -8.71
C ARG A 201 -12.57 -4.03 -8.67
N TRP A 202 -12.57 -3.22 -7.61
CA TRP A 202 -11.59 -2.11 -7.41
C TRP A 202 -10.16 -2.66 -7.38
N ARG A 203 -9.88 -3.68 -6.58
CA ARG A 203 -8.50 -4.11 -6.25
C ARG A 203 -7.86 -4.71 -7.50
N GLN A 204 -8.66 -5.29 -8.40
CA GLN A 204 -8.18 -5.94 -9.65
C GLN A 204 -7.81 -4.90 -10.72
N GLN A 205 -8.36 -3.68 -10.66
CA GLN A 205 -8.14 -2.67 -11.74
C GLN A 205 -7.17 -1.57 -11.30
N VAL A 206 -6.77 -1.50 -10.03
CA VAL A 206 -5.92 -0.39 -9.50
C VAL A 206 -4.57 -0.93 -9.04
N PRO A 207 -3.44 -0.43 -9.58
CA PRO A 207 -2.12 -0.75 -9.04
C PRO A 207 -2.06 -0.34 -7.55
N GLY A 208 -1.51 -1.21 -6.70
CA GLY A 208 -1.57 -1.07 -5.24
C GLY A 208 -2.70 -1.87 -4.63
N GLY A 209 -3.67 -2.30 -5.44
CA GLY A 209 -4.80 -3.12 -4.97
C GLY A 209 -4.32 -4.38 -4.30
N LEU A 210 -4.92 -4.77 -3.18
CA LEU A 210 -4.65 -6.06 -2.48
C LEU A 210 -5.95 -6.86 -2.43
N LEU A 211 -5.86 -8.18 -2.63
CA LEU A 211 -6.97 -9.11 -2.31
C LEU A 211 -7.24 -8.97 -0.81
N ARG A 212 -8.51 -8.82 -0.42
CA ARG A 212 -8.90 -8.71 1.00
C ARG A 212 -9.58 -10.02 1.40
N PRO A 213 -8.87 -10.93 2.11
CA PRO A 213 -9.43 -12.23 2.45
C PRO A 213 -10.58 -12.09 3.46
N GLN A 214 -11.35 -13.17 3.62
CA GLN A 214 -12.58 -13.19 4.44
C GLN A 214 -12.26 -12.75 5.88
N VAL A 215 -11.14 -13.17 6.45
CA VAL A 215 -10.78 -12.85 7.87
C VAL A 215 -10.64 -11.32 8.03
N LEU A 216 -10.19 -10.60 6.99
CA LEU A 216 -9.99 -9.12 7.07
C LEU A 216 -11.34 -8.41 6.91
N TRP A 217 -12.28 -8.98 6.16
CA TRP A 217 -13.68 -8.49 6.15
C TRP A 217 -14.32 -8.69 7.53
N ASP A 218 -14.15 -9.88 8.14
CA ASP A 218 -14.64 -10.15 9.52
C ASP A 218 -14.14 -9.05 10.46
N GLU A 219 -12.84 -8.77 10.41
CA GLU A 219 -12.18 -7.78 11.31
C GLU A 219 -12.71 -6.38 11.01
N LEU A 220 -12.81 -6.01 9.73
CA LEU A 220 -13.22 -4.64 9.31
C LEU A 220 -14.62 -4.32 9.84
N LEU A 221 -15.56 -5.26 9.73
CA LEU A 221 -16.98 -5.04 10.10
C LEU A 221 -17.17 -5.10 11.62
N ALA A 222 -16.28 -5.79 12.34
CA ALA A 222 -16.24 -5.79 13.82
C ALA A 222 -15.83 -4.40 14.33
N GLU A 223 -14.95 -3.69 13.62
CA GLU A 223 -14.49 -2.32 13.97
C GLU A 223 -15.54 -1.26 13.62
N ALA A 224 -16.56 -1.62 12.83
CA ALA A 224 -17.62 -0.70 12.34
C ALA A 224 -18.52 -0.25 13.49
N LYS A 225 -18.66 -1.05 14.55
CA LYS A 225 -19.52 -0.71 15.71
C LYS A 225 -18.75 0.23 16.65
N ALA A 226 -19.48 1.01 17.45
CA ALA A 226 -18.93 1.95 18.45
C ALA A 226 -18.33 1.16 19.61
N ALA A 227 -17.34 1.73 20.30
CA ALA A 227 -16.67 1.15 21.49
C ALA A 227 -16.80 2.11 22.68
N PRO A 228 -17.02 1.61 23.91
CA PRO A 228 -17.14 2.47 25.09
C PRO A 228 -15.85 3.27 25.37
N GLY A 229 -15.93 4.60 25.26
CA GLY A 229 -14.79 5.52 25.38
C GLY A 229 -13.87 5.46 24.15
N GLY A 230 -14.24 4.67 23.14
CA GLY A 230 -13.44 4.44 21.91
C GLY A 230 -14.08 5.10 20.71
N ASP A 231 -13.97 4.46 19.54
CA ASP A 231 -14.46 5.02 18.24
C ASP A 231 -15.99 5.13 18.27
N ARG A 232 -16.52 6.08 17.52
CA ARG A 232 -17.98 6.24 17.31
C ARG A 232 -18.43 5.21 16.27
N GLU A 233 -19.74 5.04 16.10
CA GLU A 233 -20.32 4.09 15.12
C GLU A 233 -19.90 4.49 13.70
N SER A 234 -19.56 3.50 12.86
CA SER A 234 -19.25 3.71 11.42
C SER A 234 -20.56 3.62 10.62
N PHE A 235 -20.66 4.43 9.58
CA PHE A 235 -21.77 4.40 8.60
C PHE A 235 -21.18 4.13 7.22
N ALA A 236 -22.01 3.69 6.29
CA ALA A 236 -21.61 3.45 4.89
C ALA A 236 -22.53 4.25 3.97
N LEU A 237 -21.95 4.79 2.91
CA LEU A 237 -22.66 5.31 1.72
C LEU A 237 -22.42 4.32 0.59
N LEU A 238 -23.51 3.73 0.07
CA LEU A 238 -23.47 2.59 -0.87
C LEU A 238 -24.09 3.00 -2.20
N HIS A 239 -23.30 2.85 -3.27
CA HIS A 239 -23.66 3.05 -4.69
C HIS A 239 -23.47 1.69 -5.37
N PRO A 240 -24.19 1.35 -6.47
CA PRO A 240 -23.92 0.11 -7.19
C PRO A 240 -22.44 -0.11 -7.53
N ASP A 241 -21.69 0.98 -7.76
CA ASP A 241 -20.29 0.94 -8.26
C ASP A 241 -19.31 1.63 -7.30
N GLY A 242 -19.67 1.76 -6.01
CA GLY A 242 -18.74 2.32 -5.01
C GLY A 242 -19.31 2.34 -3.61
N TYR A 243 -18.46 2.44 -2.60
CA TYR A 243 -18.89 2.69 -1.21
C TYR A 243 -17.87 3.57 -0.51
N ALA A 244 -18.35 4.28 0.52
CA ALA A 244 -17.53 5.04 1.49
C ALA A 244 -17.91 4.55 2.90
N LEU A 245 -16.92 4.20 3.71
CA LEU A 245 -17.07 3.95 5.16
C LEU A 245 -16.52 5.17 5.89
N TYR A 246 -17.30 5.76 6.80
CA TYR A 246 -16.89 6.96 7.55
C TYR A 246 -17.40 6.85 8.99
N ARG A 247 -16.78 7.63 9.88
CA ARG A 247 -17.23 7.82 11.27
C ARG A 247 -16.86 9.24 11.70
N VAL A 248 -17.67 9.81 12.59
CA VAL A 248 -17.34 11.10 13.27
C VAL A 248 -16.11 10.85 14.13
N ASP A 249 -15.19 11.81 14.15
CA ASP A 249 -13.95 11.74 14.96
C ASP A 249 -14.32 11.66 16.45
N ARG A 250 -13.57 10.86 17.21
CA ARG A 250 -13.76 10.63 18.67
C ARG A 250 -13.94 11.96 19.42
N THR A 251 -13.07 12.94 19.12
CA THR A 251 -12.86 14.15 19.96
C THR A 251 -13.31 15.40 19.19
N ASP A 252 -12.97 15.51 17.90
CA ASP A 252 -13.48 16.60 17.02
C ASP A 252 -14.83 16.18 16.44
N LEU A 253 -15.93 16.64 17.03
CA LEU A 253 -17.31 16.21 16.68
C LEU A 253 -17.81 16.93 15.42
N LYS A 254 -17.02 17.83 14.83
CA LYS A 254 -17.36 18.51 13.55
C LYS A 254 -16.49 17.95 12.41
N LEU A 255 -15.78 16.85 12.64
CA LEU A 255 -14.93 16.16 11.62
C LEU A 255 -15.45 14.75 11.35
N ALA A 256 -15.82 14.45 10.11
CA ALA A 256 -16.08 13.07 9.64
C ALA A 256 -14.82 12.56 8.92
N ARG A 257 -14.31 11.40 9.35
CA ARG A 257 -13.14 10.73 8.74
C ARG A 257 -13.64 9.57 7.88
N VAL A 258 -13.37 9.64 6.58
CA VAL A 258 -13.63 8.54 5.61
C VAL A 258 -12.47 7.54 5.77
N SER A 259 -12.73 6.35 6.30
CA SER A 259 -11.69 5.32 6.52
C SER A 259 -11.34 4.67 5.17
N GLU A 260 -12.30 4.63 4.26
CA GLU A 260 -12.20 3.87 2.99
C GLU A 260 -13.24 4.38 2.01
N LEU A 261 -12.82 4.75 0.80
CA LEU A 261 -13.73 5.02 -0.33
C LEU A 261 -13.21 4.23 -1.53
N ARG A 262 -13.99 3.27 -1.99
CA ARG A 262 -13.68 2.44 -3.18
C ARG A 262 -14.74 2.69 -4.25
N ALA A 263 -14.35 3.33 -5.35
CA ALA A 263 -15.24 3.66 -6.49
C ALA A 263 -14.63 3.07 -7.77
N VAL A 264 -15.45 2.32 -8.51
CA VAL A 264 -15.03 1.61 -9.75
C VAL A 264 -15.32 2.51 -10.97
N THR A 265 -16.17 3.54 -10.81
CA THR A 265 -16.52 4.49 -11.90
C THR A 265 -16.41 5.93 -11.37
N ALA A 266 -16.22 6.89 -12.27
CA ALA A 266 -16.20 8.35 -11.99
C ALA A 266 -17.56 8.79 -11.44
N ASP A 267 -18.66 8.24 -11.98
CA ASP A 267 -20.03 8.54 -11.51
C ASP A 267 -20.18 8.15 -10.04
N ALA A 268 -19.67 6.98 -9.65
CA ALA A 268 -19.77 6.47 -8.26
C ALA A 268 -18.96 7.38 -7.32
N HIS A 269 -17.75 7.74 -7.72
CA HIS A 269 -16.83 8.62 -6.96
C HIS A 269 -17.52 9.97 -6.70
N CYS A 270 -18.08 10.59 -7.73
CA CYS A 270 -18.76 11.92 -7.58
C CYS A 270 -20.01 11.78 -6.70
N ALA A 271 -20.83 10.75 -6.93
CA ALA A 271 -22.10 10.50 -6.20
C ALA A 271 -21.80 10.33 -4.70
N LEU A 272 -20.76 9.58 -4.36
CA LEU A 272 -20.36 9.36 -2.95
C LEU A 272 -19.92 10.68 -2.32
N TRP A 273 -19.21 11.52 -3.08
CA TRP A 273 -18.71 12.83 -2.55
C TRP A 273 -19.87 13.83 -2.40
N ARG A 274 -20.85 13.82 -3.31
CA ARG A 274 -22.08 14.64 -3.14
C ARG A 274 -22.76 14.26 -1.81
N ALA A 275 -22.86 12.97 -1.50
CA ALA A 275 -23.46 12.47 -0.24
C ALA A 275 -22.62 12.91 0.96
N LEU A 276 -21.28 12.83 0.88
CA LEU A 276 -20.38 13.17 2.03
C LEU A 276 -20.47 14.68 2.31
N ILE A 277 -20.49 15.50 1.26
CA ILE A 277 -20.66 16.98 1.38
C ILE A 277 -22.06 17.28 1.93
N GLY A 278 -23.00 16.34 1.82
CA GLY A 278 -24.35 16.45 2.42
C GLY A 278 -24.39 16.14 3.92
N LEU A 279 -23.26 15.81 4.55
CA LEU A 279 -23.22 15.59 6.03
C LEU A 279 -23.24 16.96 6.72
N ASP A 280 -24.42 17.56 6.81
CA ASP A 280 -24.63 18.98 7.15
C ASP A 280 -24.24 19.26 8.61
N SER A 281 -24.19 18.25 9.48
CA SER A 281 -23.77 18.43 10.91
C SER A 281 -22.24 18.57 11.01
N MET A 282 -21.48 18.31 9.94
CA MET A 282 -20.00 18.38 9.96
C MET A 282 -19.52 19.70 9.37
N GLU A 283 -18.38 20.21 9.85
CA GLU A 283 -17.60 21.32 9.25
C GLU A 283 -16.65 20.76 8.19
N ARG A 284 -16.02 19.61 8.47
CA ARG A 284 -14.90 19.06 7.68
C ARG A 284 -15.11 17.56 7.41
N ILE A 285 -14.77 17.13 6.20
CA ILE A 285 -14.64 15.69 5.80
C ILE A 285 -13.16 15.47 5.46
N SER A 286 -12.53 14.48 6.07
CA SER A 286 -11.12 14.10 5.76
C SER A 286 -11.09 12.68 5.19
N ILE A 287 -10.12 12.43 4.30
CA ILE A 287 -9.88 11.10 3.67
C ILE A 287 -8.38 10.97 3.42
N ILE A 288 -7.84 9.79 3.68
CA ILE A 288 -6.46 9.41 3.24
C ILE A 288 -6.61 8.76 1.87
N THR A 289 -6.20 9.50 0.84
CA THR A 289 -6.39 9.14 -0.58
C THR A 289 -5.03 9.14 -1.27
N HIS A 290 -5.02 9.31 -2.59
CA HIS A 290 -3.79 9.30 -3.43
C HIS A 290 -3.65 10.65 -4.10
N PRO A 291 -2.44 11.01 -4.60
CA PRO A 291 -2.20 12.35 -5.15
C PRO A 291 -3.06 12.73 -6.36
N GLN A 292 -3.59 11.75 -7.10
CA GLN A 292 -4.38 12.01 -8.33
C GLN A 292 -5.89 11.89 -8.08
N ASP A 293 -6.34 11.89 -6.81
CA ASP A 293 -7.78 11.91 -6.47
C ASP A 293 -8.41 13.09 -7.20
N PRO A 294 -9.43 12.87 -8.06
CA PRO A 294 -10.06 13.99 -8.80
C PRO A 294 -10.99 14.88 -7.95
N LEU A 295 -11.20 14.59 -6.67
CA LEU A 295 -12.11 15.36 -5.77
C LEU A 295 -11.97 16.86 -5.98
N PRO A 296 -10.76 17.46 -5.92
CA PRO A 296 -10.65 18.92 -5.96
C PRO A 296 -11.29 19.50 -7.23
N HIS A 297 -11.22 18.76 -8.34
CA HIS A 297 -11.70 19.19 -9.69
C HIS A 297 -13.23 19.10 -9.78
N LEU A 298 -13.88 18.39 -8.85
CA LEU A 298 -15.36 18.29 -8.76
C LEU A 298 -15.96 19.58 -8.17
N LEU A 299 -15.15 20.44 -7.54
CA LEU A 299 -15.63 21.64 -6.81
C LEU A 299 -15.34 22.90 -7.63
N THR A 300 -16.13 23.96 -7.40
CA THR A 300 -15.92 25.29 -8.02
C THR A 300 -14.66 25.94 -7.44
N ASP A 301 -14.30 25.57 -6.20
CA ASP A 301 -13.05 26.03 -5.51
C ASP A 301 -12.17 24.81 -5.19
N THR A 302 -11.20 24.52 -6.07
CA THR A 302 -10.25 23.37 -5.93
C THR A 302 -9.49 23.47 -4.61
N ARG A 303 -9.30 24.68 -4.09
CA ARG A 303 -8.50 24.95 -2.87
C ARG A 303 -9.20 24.41 -1.62
N LEU A 304 -10.52 24.19 -1.67
CA LEU A 304 -11.32 23.68 -0.52
C LEU A 304 -10.88 22.26 -0.15
N ALA A 305 -10.42 21.46 -1.11
CA ALA A 305 -9.86 20.11 -0.87
C ALA A 305 -8.38 20.28 -0.51
N ARG A 306 -8.10 20.59 0.77
CA ARG A 306 -6.75 20.96 1.28
C ARG A 306 -5.97 19.67 1.59
N THR A 307 -4.73 19.59 1.11
CA THR A 307 -3.77 18.53 1.49
C THR A 307 -3.23 18.84 2.89
N THR A 308 -3.65 18.06 3.89
CA THR A 308 -3.36 18.30 5.32
C THR A 308 -2.24 17.37 5.81
N TRP A 309 -1.87 16.36 5.01
CA TRP A 309 -0.87 15.33 5.39
C TRP A 309 -0.46 14.55 4.15
N ARG A 310 0.83 14.20 4.05
CA ARG A 310 1.38 13.32 2.98
C ARG A 310 2.43 12.41 3.59
N GLN A 311 2.43 11.14 3.19
CA GLN A 311 3.38 10.15 3.74
C GLN A 311 3.53 8.98 2.74
N ASP A 312 4.70 8.36 2.74
CA ASP A 312 4.92 7.02 2.11
C ASP A 312 3.80 6.09 2.58
N GLY A 313 3.25 5.28 1.67
CA GLY A 313 2.27 4.23 2.00
C GLY A 313 2.90 2.85 1.95
N LEU A 314 2.63 2.10 0.88
CA LEU A 314 3.21 0.75 0.68
C LEU A 314 4.68 0.87 0.26
N TRP A 315 5.55 0.06 0.84
CA TRP A 315 6.98 -0.08 0.45
C TRP A 315 7.15 -1.42 -0.27
N LEU A 316 7.99 -1.45 -1.30
CA LEU A 316 8.25 -2.67 -2.12
C LEU A 316 9.74 -3.02 -2.08
N ARG A 317 10.04 -4.30 -1.87
CA ARG A 317 11.36 -4.91 -2.15
C ARG A 317 11.18 -5.86 -3.33
N ILE A 318 11.76 -5.53 -4.47
CA ILE A 318 11.81 -6.44 -5.65
C ILE A 318 12.76 -7.58 -5.27
N MET A 319 12.24 -8.80 -5.16
CA MET A 319 13.03 -10.00 -4.74
C MET A 319 13.73 -10.60 -5.97
N ASN A 320 13.02 -10.66 -7.10
CA ASN A 320 13.52 -11.21 -8.39
C ASN A 320 13.35 -10.13 -9.46
N VAL A 321 14.44 -9.48 -9.87
CA VAL A 321 14.41 -8.29 -10.76
C VAL A 321 13.77 -8.66 -12.09
N PRO A 322 14.28 -9.68 -12.83
CA PRO A 322 13.71 -10.00 -14.14
C PRO A 322 12.24 -10.45 -14.07
N ALA A 323 11.86 -11.25 -13.08
CA ALA A 323 10.46 -11.72 -12.90
C ALA A 323 9.53 -10.52 -12.68
N ALA A 324 9.90 -9.59 -11.78
CA ALA A 324 9.08 -8.39 -11.48
C ALA A 324 8.99 -7.52 -12.74
N LEU A 325 10.12 -7.23 -13.39
CA LEU A 325 10.14 -6.29 -14.53
C LEU A 325 9.38 -6.88 -15.74
N GLU A 326 9.43 -8.20 -15.95
CA GLU A 326 8.71 -8.84 -17.10
C GLU A 326 7.22 -8.92 -16.79
N ALA A 327 6.83 -8.95 -15.51
CA ALA A 327 5.45 -9.24 -15.06
C ALA A 327 4.52 -8.03 -15.30
N ARG A 328 4.98 -6.79 -15.06
CA ARG A 328 4.07 -5.61 -15.16
C ARG A 328 3.96 -5.13 -16.62
N GLY A 329 2.87 -4.44 -16.92
CA GLY A 329 2.64 -3.72 -18.19
C GLY A 329 3.32 -2.38 -18.17
N TYR A 330 3.73 -1.89 -19.35
CA TYR A 330 4.41 -0.58 -19.54
C TYR A 330 3.54 0.27 -20.48
N ALA A 331 3.78 1.59 -20.48
CA ALA A 331 3.07 2.57 -21.32
C ALA A 331 3.29 2.21 -22.80
N HIS A 332 2.20 2.14 -23.58
CA HIS A 332 2.23 1.86 -25.04
C HIS A 332 2.74 3.09 -25.82
N GLU A 333 2.66 4.28 -25.22
CA GLU A 333 2.95 5.56 -25.91
C GLU A 333 4.43 5.62 -26.30
N VAL A 334 5.33 5.13 -25.44
CA VAL A 334 6.80 5.14 -25.65
C VAL A 334 7.17 4.08 -26.71
N GLY A 335 8.01 4.45 -27.66
CA GLY A 335 8.50 3.53 -28.70
C GLY A 335 9.44 2.50 -28.11
N GLU A 336 9.55 1.34 -28.76
CA GLU A 336 10.48 0.25 -28.36
C GLU A 336 11.86 0.85 -28.09
N PHE A 337 12.50 0.46 -26.98
CA PHE A 337 13.88 0.85 -26.64
C PHE A 337 14.53 -0.27 -25.83
N SER A 338 15.86 -0.32 -25.87
CA SER A 338 16.71 -1.30 -25.15
C SER A 338 17.73 -0.54 -24.31
N THR A 339 18.04 -1.08 -23.13
CA THR A 339 19.07 -0.52 -22.23
C THR A 339 19.66 -1.67 -21.42
N VAL A 340 20.67 -1.36 -20.61
CA VAL A 340 21.29 -2.31 -19.65
C VAL A 340 21.13 -1.69 -18.26
N LEU A 341 20.37 -2.37 -17.40
CA LEU A 341 20.10 -1.93 -16.00
C LEU A 341 20.94 -2.77 -15.05
N GLU A 342 21.69 -2.11 -14.17
CA GLU A 342 22.36 -2.77 -13.02
C GLU A 342 21.65 -2.36 -11.73
N VAL A 343 21.18 -3.35 -10.97
CA VAL A 343 20.74 -3.19 -9.56
C VAL A 343 21.94 -3.54 -8.67
N SER A 344 22.36 -2.61 -7.81
CA SER A 344 23.47 -2.79 -6.86
C SER A 344 23.29 -4.13 -6.14
N ASP A 345 24.19 -5.09 -6.37
CA ASP A 345 24.11 -6.46 -5.77
C ASP A 345 22.73 -7.09 -6.06
N GLY A 346 22.17 -6.85 -7.25
CA GLY A 346 20.87 -7.43 -7.67
C GLY A 346 20.91 -7.95 -9.11
N GLY A 347 22.06 -7.89 -9.77
CA GLY A 347 22.26 -8.36 -11.15
C GLY A 347 22.33 -7.24 -12.16
N ARG A 348 22.80 -7.56 -13.36
CA ARG A 348 22.79 -6.66 -14.54
C ARG A 348 22.00 -7.32 -15.65
N PHE A 349 21.10 -6.56 -16.29
CA PHE A 349 20.10 -7.12 -17.24
C PHE A 349 20.02 -6.25 -18.49
N ALA A 350 19.93 -6.90 -19.65
CA ALA A 350 19.47 -6.31 -20.92
C ALA A 350 17.94 -6.14 -20.79
N LEU A 351 17.47 -4.90 -20.75
CA LEU A 351 16.04 -4.57 -20.58
C LEU A 351 15.54 -4.01 -21.91
N LYS A 352 14.57 -4.69 -22.51
CA LYS A 352 13.93 -4.29 -23.79
C LYS A 352 12.45 -4.07 -23.50
N ILE A 353 11.96 -2.85 -23.73
CA ILE A 353 10.55 -2.45 -23.48
C ILE A 353 9.95 -1.99 -24.81
N GLY A 354 8.86 -2.63 -25.23
CA GLY A 354 8.10 -2.26 -26.44
C GLY A 354 6.72 -2.89 -26.42
N ASP A 355 5.74 -2.23 -27.04
CA ASP A 355 4.33 -2.70 -27.13
C ASP A 355 3.80 -3.03 -25.72
N GLY A 356 4.19 -2.23 -24.72
CA GLY A 356 3.68 -2.34 -23.34
C GLY A 356 4.26 -3.51 -22.55
N ARG A 357 5.27 -4.22 -23.07
CA ARG A 357 5.87 -5.39 -22.39
C ARG A 357 7.39 -5.24 -22.30
N ALA A 358 8.00 -5.83 -21.26
CA ALA A 358 9.46 -5.84 -21.02
C ALA A 358 10.00 -7.27 -21.16
N ARG A 359 11.19 -7.38 -21.75
CA ARG A 359 12.06 -8.58 -21.69
C ARG A 359 13.32 -8.18 -20.95
N CYS A 360 13.72 -8.98 -19.96
CA CYS A 360 14.79 -8.63 -18.98
C CYS A 360 15.69 -9.85 -18.76
N THR A 361 16.83 -9.91 -19.46
CA THR A 361 17.72 -11.11 -19.55
C THR A 361 19.11 -10.79 -19.00
N PRO A 362 19.84 -11.79 -18.46
CA PRO A 362 21.19 -11.57 -17.94
C PRO A 362 22.13 -11.02 -19.02
N THR A 363 23.03 -10.12 -18.64
CA THR A 363 24.11 -9.61 -19.53
C THR A 363 25.32 -9.21 -18.70
N ASP A 364 26.49 -9.19 -19.33
CA ASP A 364 27.73 -8.60 -18.76
C ASP A 364 28.09 -7.35 -19.57
N ALA A 365 27.25 -6.93 -20.52
CA ALA A 365 27.40 -5.65 -21.27
C ALA A 365 27.47 -4.49 -20.28
N ALA A 366 28.16 -3.40 -20.64
CA ALA A 366 28.30 -2.19 -19.80
C ALA A 366 26.92 -1.70 -19.37
N ALA A 367 26.75 -1.34 -18.09
CA ALA A 367 25.49 -0.76 -17.55
C ALA A 367 25.27 0.63 -18.16
N GLU A 368 24.04 0.93 -18.57
CA GLU A 368 23.62 2.29 -18.99
C GLU A 368 22.88 2.99 -17.84
N ILE A 369 22.23 2.22 -16.96
CA ILE A 369 21.51 2.71 -15.75
C ILE A 369 21.96 1.88 -14.55
N GLU A 370 22.27 2.54 -13.44
CA GLU A 370 22.56 1.87 -12.14
C GLU A 370 21.64 2.46 -11.06
N MET A 371 21.16 1.61 -10.16
CA MET A 371 20.36 2.02 -8.98
C MET A 371 20.41 0.93 -7.91
N ASP A 372 20.28 1.30 -6.64
CA ASP A 372 20.07 0.34 -5.52
C ASP A 372 18.69 -0.32 -5.71
N ARG A 373 18.49 -1.49 -5.10
CA ARG A 373 17.24 -2.29 -5.19
C ARG A 373 16.04 -1.45 -4.73
N ASP A 374 16.19 -0.65 -3.68
CA ASP A 374 15.08 0.14 -3.07
C ASP A 374 14.52 1.09 -4.12
N VAL A 375 15.38 1.66 -4.96
CA VAL A 375 15.01 2.65 -6.00
C VAL A 375 14.08 1.98 -7.01
N LEU A 376 14.38 0.74 -7.42
CA LEU A 376 13.54 0.01 -8.38
C LEU A 376 12.14 -0.20 -7.79
N GLY A 377 12.05 -0.53 -6.50
CA GLY A 377 10.77 -0.63 -5.78
C GLY A 377 9.97 0.65 -5.89
N SER A 378 10.62 1.80 -5.69
CA SER A 378 9.98 3.15 -5.76
C SER A 378 9.45 3.45 -7.17
N LEU A 379 10.12 2.96 -8.22
CA LEU A 379 9.73 3.19 -9.64
C LEU A 379 8.57 2.26 -10.02
N TYR A 380 8.45 1.11 -9.35
CA TYR A 380 7.79 -0.10 -9.92
C TYR A 380 6.29 0.12 -10.14
N LEU A 381 5.58 0.82 -9.24
CA LEU A 381 4.12 1.04 -9.39
C LEU A 381 3.82 2.41 -10.04
N GLY A 382 4.86 3.17 -10.41
CA GLY A 382 4.73 4.47 -11.10
C GLY A 382 4.51 5.64 -10.16
N ALA A 383 4.71 5.50 -8.85
CA ALA A 383 4.46 6.58 -7.85
C ALA A 383 5.59 7.64 -7.87
N HIS A 384 6.79 7.25 -8.30
CA HIS A 384 7.99 8.13 -8.35
C HIS A 384 8.58 8.09 -9.76
N ARG A 385 8.99 9.26 -10.28
CA ARG A 385 9.59 9.40 -11.63
C ARG A 385 11.09 9.08 -11.58
N ALA A 386 11.60 8.32 -12.55
CA ALA A 386 13.04 8.04 -12.74
C ALA A 386 13.82 9.37 -12.74
N SER A 387 13.30 10.40 -13.41
CA SER A 387 13.91 11.76 -13.53
C SER A 387 14.14 12.37 -12.14
N THR A 388 13.15 12.26 -11.25
CA THR A 388 13.22 12.83 -9.87
C THR A 388 14.30 12.08 -9.08
N LEU A 389 14.32 10.76 -9.15
CA LEU A 389 15.31 9.91 -8.44
C LEU A 389 16.71 10.17 -9.01
N ALA A 390 16.82 10.42 -10.32
CA ALA A 390 18.09 10.74 -11.00
C ALA A 390 18.63 12.08 -10.46
N ALA A 391 17.74 13.05 -10.21
CA ALA A 391 18.11 14.40 -9.72
C ALA A 391 18.72 14.31 -8.31
N ALA A 392 18.38 13.26 -7.55
CA ALA A 392 18.92 12.97 -6.20
C ALA A 392 20.11 12.02 -6.29
N ASN A 393 20.49 11.62 -7.51
CA ASN A 393 21.60 10.67 -7.81
C ASN A 393 21.32 9.29 -7.21
N ARG A 394 20.05 8.94 -6.95
CA ARG A 394 19.65 7.57 -6.50
C ARG A 394 19.60 6.64 -7.71
N LEU A 395 19.49 7.23 -8.90
CA LEU A 395 19.46 6.56 -10.22
C LEU A 395 20.52 7.23 -11.09
N ARG A 396 21.51 6.48 -11.57
CA ARG A 396 22.68 7.01 -12.33
C ARG A 396 22.58 6.60 -13.79
N THR A 397 22.57 7.58 -14.70
CA THR A 397 22.75 7.39 -16.16
C THR A 397 23.38 8.65 -16.75
N LYS A 398 24.06 8.50 -17.89
CA LYS A 398 24.70 9.62 -18.64
C LYS A 398 23.81 10.02 -19.83
N ASP A 399 22.68 9.33 -20.01
CA ASP A 399 21.76 9.50 -21.18
C ASP A 399 20.43 10.10 -20.71
N SER A 400 20.19 11.39 -20.99
CA SER A 400 18.95 12.10 -20.58
C SER A 400 17.75 11.56 -21.38
N GLN A 401 17.96 11.15 -22.63
CA GLN A 401 16.91 10.53 -23.47
C GLN A 401 16.42 9.22 -22.83
N LEU A 402 17.35 8.40 -22.34
CA LEU A 402 17.02 7.11 -21.66
C LEU A 402 16.15 7.38 -20.44
N LEU A 403 16.51 8.40 -19.67
CA LEU A 403 15.75 8.85 -18.46
C LEU A 403 14.30 9.19 -18.84
N ARG A 404 14.10 9.97 -19.91
CA ARG A 404 12.75 10.34 -20.40
C ARG A 404 11.99 9.06 -20.78
N ARG A 405 12.64 8.12 -21.47
CA ARG A 405 11.97 6.87 -21.92
C ARG A 405 11.56 6.03 -20.71
N LEU A 406 12.42 5.91 -19.70
CA LEU A 406 12.11 5.19 -18.44
C LEU A 406 10.94 5.85 -17.71
N ASP A 407 10.97 7.17 -17.54
CA ASP A 407 9.86 7.96 -16.94
C ASP A 407 8.54 7.57 -17.60
N ALA A 408 8.49 7.62 -18.93
CA ALA A 408 7.29 7.37 -19.75
C ALA A 408 6.86 5.91 -19.62
N ALA A 409 7.80 4.97 -19.75
CA ALA A 409 7.50 3.51 -19.79
C ALA A 409 6.93 3.05 -18.44
N PHE A 410 7.55 3.46 -17.34
CA PHE A 410 7.22 2.99 -15.96
C PHE A 410 5.97 3.71 -15.42
N ALA A 411 5.59 4.85 -16.02
CA ALA A 411 4.35 5.58 -15.67
C ALA A 411 3.16 4.62 -15.76
N SER A 412 2.20 4.75 -14.84
CA SER A 412 0.96 3.95 -14.78
C SER A 412 -0.22 4.77 -15.32
N ASP A 413 -0.94 4.21 -16.29
CA ASP A 413 -2.20 4.74 -16.87
C ASP A 413 -3.20 5.01 -15.74
N VAL A 414 -3.49 3.97 -14.94
CA VAL A 414 -4.37 4.05 -13.73
C VAL A 414 -3.50 4.50 -12.56
N PRO A 415 -3.81 5.64 -11.91
CA PRO A 415 -3.00 6.13 -10.79
C PRO A 415 -2.87 5.08 -9.67
N VAL A 416 -1.67 4.96 -9.11
CA VAL A 416 -1.35 4.01 -8.00
C VAL A 416 -2.08 4.46 -6.74
N GLN A 417 -2.75 3.53 -6.07
CA GLN A 417 -3.49 3.79 -4.81
C GLN A 417 -2.97 2.83 -3.74
N THR A 418 -3.33 3.08 -2.47
CA THR A 418 -2.97 2.22 -1.32
C THR A 418 -4.25 1.48 -0.89
N ALA A 419 -4.18 0.16 -0.76
CA ALA A 419 -5.36 -0.72 -0.53
C ALA A 419 -5.82 -0.67 0.94
N PHE A 420 -5.12 -1.42 1.80
CA PHE A 420 -5.30 -1.43 3.27
C PHE A 420 -3.92 -1.65 3.89
N GLU A 421 -3.73 -1.08 5.08
CA GLU A 421 -2.49 -1.23 5.87
C GLU A 421 -2.45 -2.66 6.44
N PHE A 422 -1.25 -3.23 6.53
CA PHE A 422 -1.01 -4.59 7.08
C PHE A 422 0.30 -4.57 7.87
C18 USG B . -3.87 -1.59 10.27
C19 USG B . -3.08 -2.90 10.19
C20 USG B . -0.58 -9.19 12.58
C21 USG B . -0.66 -9.94 13.76
C10 USG B . -4.88 0.30 11.66
C23 USG B . -0.04 -11.91 12.54
C25 USG B . 0.03 -11.17 11.36
C26 USG B . -0.25 -9.81 11.38
O01 USG B . -1.00 -7.20 13.75
C02 USG B . -0.91 -7.70 12.67
C03 USG B . -1.18 -6.85 11.42
C04 USG B . -1.29 -5.35 11.72
C05 USG B . -2.64 -4.69 11.45
N06 USG B . -2.53 -3.49 11.42
C07 USG B . -2.85 -2.87 12.70
C08 USG B . -3.26 -1.40 12.59
C09 USG B . -4.34 -1.25 11.60
O17 USG B . -5.39 -2.13 11.92
C22 USG B . -0.39 -11.30 13.75
F24 USG B . 0.22 -13.23 12.54
C1 GOL C . -5.12 2.94 2.39
O1 GOL C . -6.55 2.95 2.36
C2 GOL C . -4.59 3.33 3.76
O2 GOL C . -4.64 2.20 4.62
C3 GOL C . -5.33 4.49 4.38
O3 GOL C . -4.85 4.79 5.68
C1 PEG D . -10.37 8.22 -6.50
O1 PEG D . -9.60 8.30 -7.67
C2 PEG D . -10.11 6.97 -5.73
O2 PEG D . -11.14 6.75 -4.79
C3 PEG D . -11.02 7.53 -3.60
C4 PEG D . -10.33 6.75 -2.52
O4 PEG D . -9.09 7.32 -2.11
C1 GOL E . 3.98 -19.26 12.45
O1 GOL E . 5.11 -19.93 11.88
C2 GOL E . 2.70 -19.87 11.97
O2 GOL E . 2.74 -20.08 10.57
C3 GOL E . 1.49 -19.01 12.32
O3 GOL E . 0.30 -19.50 11.70
C1 GOL F . -0.71 -0.32 -19.34
O1 GOL F . -1.72 -1.31 -19.34
C2 GOL F . -0.52 0.28 -17.97
O2 GOL F . -1.76 0.81 -17.51
C3 GOL F . 0.56 1.35 -17.91
O3 GOL F . 1.78 0.84 -17.40
C1 GOL G . 5.81 -4.47 11.24
O1 GOL G . 6.29 -3.62 12.29
C2 GOL G . 5.96 -3.87 9.86
O2 GOL G . 4.82 -3.06 9.57
C3 GOL G . 7.24 -3.07 9.69
O3 GOL G . 7.12 -1.72 10.16
C1 GOL H . 2.13 -4.56 13.08
O1 GOL H . 2.86 -4.33 11.88
C2 GOL H . 1.79 -3.28 13.81
O2 GOL H . 2.35 -2.16 13.12
C3 GOL H . 0.30 -3.06 13.97
O3 GOL H . -0.10 -3.07 15.33
CL CL I . -5.18 5.51 -1.77
#